data_5WKE
#
_entry.id   5WKE
#
_cell.length_a   57.250
_cell.length_b   78.550
_cell.length_c   84.790
_cell.angle_alpha   90.00
_cell.angle_beta   90.00
_cell.angle_gamma   90.00
#
_symmetry.space_group_name_H-M   'P 21 21 21'
#
loop_
_entity.id
_entity.type
_entity.pdbx_description
1 polymer 'T-cell surface glycoprotein CD1b'
2 polymer Beta-2-microglobulin
3 branched alpha-L-fucopyranose-(1-3)-[2-acetamido-2-deoxy-beta-D-glucopyranose-(1-4)]2-acetamido-2-deoxy-beta-D-glucopyranose
4 branched alpha-D-mannopyranose-(1-3)-[alpha-D-mannopyranose-(1-6)]beta-D-mannopyranose-(1-4)-2-acetamido-2-deoxy-beta-D-glucopyranose-(1-4)-[alpha-L-fucopyranose-(1-3)][alpha-L-fucopyranose-(1-6)]2-acetamido-2-deoxy-beta-D-glucopyranose
5 non-polymer 'tetracosyl octadecanoate'
6 non-polymer 2-acetamido-2-deoxy-beta-D-glucopyranose
7 non-polymer 1,2-ETHANEDIOL
8 non-polymer 'CHLORIDE ION'
9 non-polymer '(19S,22S,25R)-25-amino-22-hydroxy-16,22,26-trioxo-17,21,23-trioxa-22lambda~5~-phosphahexacosan-19-yl (9Z)-octadec-9-enoate'
10 non-polymer 'SODIUM ION'
11 water water
#
loop_
_entity_poly.entity_id
_entity_poly.type
_entity_poly.pdbx_seq_one_letter_code
_entity_poly.pdbx_strand_id
1 'polypeptide(L)'
;HAFQGPTSFHVIQTSSFTNSTWAQTQGSGWLDDLQIHGWDSDSGTAIFLKPWSKGNFSDKEVAELEEIFRVYIFGFAREV
QDFAGDFQMKYPFEIQGIAGCELHSGGAIVSFLRGALGGLDFLSVKNASCVPSPEGGSRAQKFCALIIQYQGIMETVRIL
LYETCPRYLLGVLNAGKADLQRQVKPEAWLSSGPSPGPGRLQLVCHVSGFYPKPVWVMWMRGEQEQQGTQLGDILPNANW
TWYLRATLDVADGEAAGLSCRVKHSSLEGQDIILYWRGSGLNDIFEAQKIEWHEHHHHHH
;
A
2 'polypeptide(L)'
;IQRTPKIQVYSRHPAENGKSNFLNCYVSGFHPSDIEVDLLKNGERIEKVEHSDLSFSKDWSFYLLYYTEFTPTEKDEYAC
RVNHVTLSQPKIVKWDRDM
;
B
#
loop_
_chem_comp.id
_chem_comp.type
_chem_comp.name
_chem_comp.formula
BMA D-saccharide, beta linking beta-D-mannopyranose 'C6 H12 O6'
CL non-polymer 'CHLORIDE ION' 'Cl -1'
CUY non-polymer 'tetracosyl octadecanoate' 'C42 H84 O2'
EDO non-polymer 1,2-ETHANEDIOL 'C2 H6 O2'
FUC L-saccharide, alpha linking alpha-L-fucopyranose 'C6 H12 O5'
MAN D-saccharide, alpha linking alpha-D-mannopyranose 'C6 H12 O6'
NA non-polymer 'SODIUM ION' 'Na 1'
NAG D-saccharide, beta linking 2-acetamido-2-deoxy-beta-D-glucopyranose 'C8 H15 N O6'
P50 non-polymer '(19S,22S,25R)-25-amino-22-hydroxy-16,22,26-trioxo-17,21,23-trioxa-22lambda~5~-phosphahexacosan-19-yl (9Z)-octadec-9-enoate' 'C40 H76 N O9 P'
#
# COMPACT_ATOMS: atom_id res chain seq x y z
N PHE A 3 16.53 14.96 -1.62
CA PHE A 3 16.92 13.83 -0.80
C PHE A 3 16.10 12.58 -1.23
N GLN A 4 16.47 11.40 -0.76
CA GLN A 4 15.76 10.18 -1.17
C GLN A 4 14.88 9.62 -0.07
N GLY A 5 13.98 8.70 -0.45
CA GLY A 5 13.05 8.10 0.49
C GLY A 5 11.74 8.87 0.60
N PRO A 6 10.90 8.51 1.57
CA PRO A 6 9.60 9.20 1.72
C PRO A 6 9.72 10.71 1.93
N THR A 7 8.71 11.46 1.45
CA THR A 7 8.68 12.93 1.62
C THR A 7 7.38 13.37 2.30
N SER A 8 6.52 12.43 2.73
CA SER A 8 5.25 12.78 3.33
C SER A 8 4.94 11.93 4.51
N PHE A 9 4.04 12.45 5.35
CA PHE A 9 3.52 11.73 6.48
C PHE A 9 2.03 11.80 6.43
N HIS A 10 1.38 10.68 6.70
CA HIS A 10 -0.07 10.73 6.80
C HIS A 10 -0.63 9.71 7.77
N VAL A 11 -1.80 10.03 8.31
CA VAL A 11 -2.58 9.14 9.18
C VAL A 11 -3.79 8.73 8.37
N ILE A 12 -4.21 7.47 8.55
CA ILE A 12 -5.41 6.97 7.88
C ILE A 12 -6.37 6.42 8.92
N GLN A 13 -7.66 6.51 8.61
CA GLN A 13 -8.74 6.02 9.47
C GLN A 13 -9.70 5.20 8.60
N THR A 14 -10.12 4.01 9.08
CA THR A 14 -11.15 3.21 8.43
C THR A 14 -12.14 2.94 9.55
N SER A 15 -13.34 3.52 9.46
CA SER A 15 -14.38 3.38 10.46
C SER A 15 -15.53 2.60 9.86
N SER A 16 -15.75 1.40 10.40
CA SER A 16 -16.75 0.47 9.86
C SER A 16 -17.98 0.49 10.76
N PHE A 17 -19.13 0.87 10.21
CA PHE A 17 -20.36 0.93 11.00
C PHE A 17 -21.19 -0.25 10.63
N THR A 18 -21.20 -1.27 11.50
CA THR A 18 -21.91 -2.52 11.20
C THR A 18 -23.40 -2.36 11.34
N ASN A 19 -23.84 -1.80 12.47
CA ASN A 19 -25.24 -1.56 12.77
C ASN A 19 -25.32 -0.35 13.73
N SER A 20 -26.54 -0.03 14.26
CA SER A 20 -26.75 1.12 15.14
C SER A 20 -26.02 1.02 16.49
N THR A 21 -25.57 -0.17 16.88
CA THR A 21 -24.92 -0.34 18.17
C THR A 21 -23.44 -0.71 18.06
N TRP A 22 -22.98 -1.15 16.87
CA TRP A 22 -21.60 -1.56 16.72
C TRP A 22 -20.85 -0.78 15.63
N ALA A 23 -19.71 -0.22 16.03
CA ALA A 23 -18.80 0.50 15.14
C ALA A 23 -17.38 0.32 15.64
N GLN A 24 -16.42 0.18 14.70
CA GLN A 24 -15.01 -0.01 15.04
C GLN A 24 -14.15 0.75 14.08
N THR A 25 -13.05 1.33 14.58
CA THR A 25 -12.14 2.10 13.72
C THR A 25 -10.74 1.51 13.76
N GLN A 26 -10.14 1.40 12.59
CA GLN A 26 -8.74 0.99 12.42
C GLN A 26 -7.96 2.23 12.01
N GLY A 27 -6.73 2.35 12.46
CA GLY A 27 -5.93 3.53 12.09
C GLY A 27 -4.46 3.19 12.01
N SER A 28 -3.68 4.07 11.41
CA SER A 28 -2.22 3.87 11.29
C SER A 28 -1.56 5.12 10.78
N GLY A 29 -0.23 5.21 10.96
CA GLY A 29 0.61 6.32 10.54
C GLY A 29 1.68 5.86 9.58
N TRP A 30 1.90 6.64 8.50
CA TRP A 30 2.76 6.23 7.40
C TRP A 30 3.65 7.28 6.88
N LEU A 31 4.87 6.89 6.45
CA LEU A 31 5.75 7.77 5.68
C LEU A 31 5.69 7.24 4.26
N ASP A 32 4.89 7.88 3.38
CA ASP A 32 4.56 7.34 2.04
C ASP A 32 3.93 5.94 2.25
N ASP A 33 4.59 4.85 1.78
CA ASP A 33 4.08 3.48 1.88
C ASP A 33 4.65 2.72 3.06
N LEU A 34 5.46 3.38 3.88
CA LEU A 34 6.14 2.73 5.01
C LEU A 34 5.40 3.00 6.33
N GLN A 35 4.90 1.93 6.98
CA GLN A 35 4.15 2.13 8.22
C GLN A 35 5.06 2.44 9.39
N ILE A 36 4.73 3.50 10.13
CA ILE A 36 5.57 3.87 11.28
C ILE A 36 4.75 3.88 12.57
N HIS A 37 3.40 3.97 12.47
CA HIS A 37 2.51 3.91 13.64
C HIS A 37 1.40 2.94 13.41
N GLY A 38 1.04 2.24 14.48
CA GLY A 38 -0.13 1.37 14.49
C GLY A 38 -1.12 2.00 15.43
N TRP A 39 -2.35 1.51 15.43
CA TRP A 39 -3.36 1.99 16.35
C TRP A 39 -4.12 0.79 16.87
N ASP A 40 -4.25 0.70 18.19
CA ASP A 40 -5.03 -0.40 18.73
C ASP A 40 -6.46 0.09 18.80
N SER A 41 -7.36 -0.57 18.04
N SER A 41 -7.35 -0.58 18.04
CA SER A 41 -8.79 -0.23 17.95
CA SER A 41 -8.77 -0.21 17.96
C SER A 41 -9.49 -0.35 19.30
C SER A 41 -9.46 -0.33 19.31
N ASP A 42 -9.15 -1.41 20.05
CA ASP A 42 -9.70 -1.74 21.36
C ASP A 42 -9.35 -0.65 22.39
N SER A 43 -8.07 -0.55 22.81
CA SER A 43 -7.59 0.40 23.80
C SER A 43 -7.61 1.86 23.36
N GLY A 44 -7.52 2.13 22.05
CA GLY A 44 -7.45 3.49 21.53
C GLY A 44 -6.10 4.10 21.85
N THR A 45 -5.01 3.32 21.66
CA THR A 45 -3.63 3.74 21.92
C THR A 45 -2.75 3.50 20.68
N ALA A 46 -1.71 4.33 20.51
CA ALA A 46 -0.78 4.21 19.40
C ALA A 46 0.25 3.14 19.66
N ILE A 47 0.76 2.58 18.57
CA ILE A 47 1.82 1.58 18.55
C ILE A 47 2.98 2.18 17.74
N PHE A 48 4.14 2.36 18.39
CA PHE A 48 5.32 2.98 17.75
C PHE A 48 6.16 1.87 17.20
N LEU A 49 6.14 1.70 15.84
CA LEU A 49 6.76 0.56 15.14
C LEU A 49 8.26 0.64 14.94
N LYS A 50 8.81 1.84 15.08
CA LYS A 50 10.22 2.09 14.90
C LYS A 50 10.73 2.86 16.10
N PRO A 51 12.02 2.69 16.46
CA PRO A 51 12.55 3.43 17.62
C PRO A 51 12.50 4.95 17.48
N TRP A 52 12.42 5.44 16.22
CA TRP A 52 12.41 6.86 15.86
C TRP A 52 11.02 7.35 15.43
N SER A 53 9.97 6.53 15.62
CA SER A 53 8.57 6.87 15.23
C SER A 53 8.04 8.13 15.90
N LYS A 54 8.61 8.58 17.05
CA LYS A 54 8.09 9.78 17.69
C LYS A 54 8.76 11.05 17.11
N GLY A 55 9.67 10.87 16.16
CA GLY A 55 10.37 11.97 15.53
C GLY A 55 11.16 12.78 16.55
N ASN A 56 11.03 14.10 16.49
CA ASN A 56 11.66 15.00 17.47
C ASN A 56 10.62 15.47 18.52
N PHE A 57 9.43 14.84 18.54
CA PHE A 57 8.41 15.19 19.53
C PHE A 57 8.72 14.58 20.88
N SER A 58 8.43 15.32 21.95
CA SER A 58 8.67 14.84 23.31
C SER A 58 7.62 13.82 23.69
N ASP A 59 7.86 13.09 24.77
CA ASP A 59 6.88 12.12 25.27
C ASP A 59 5.57 12.84 25.61
N LYS A 60 5.66 14.07 26.15
CA LYS A 60 4.51 14.92 26.47
C LYS A 60 3.63 15.19 25.26
N GLU A 61 4.25 15.66 24.16
CA GLU A 61 3.51 16.01 22.97
C GLU A 61 2.94 14.75 22.30
N VAL A 62 3.68 13.66 22.28
CA VAL A 62 3.20 12.38 21.72
C VAL A 62 1.94 11.91 22.52
N ALA A 63 1.99 11.99 23.86
CA ALA A 63 0.85 11.63 24.69
C ALA A 63 -0.37 12.53 24.41
N GLU A 64 -0.15 13.84 24.23
CA GLU A 64 -1.21 14.81 23.93
C GLU A 64 -1.88 14.42 22.61
N LEU A 65 -1.08 14.15 21.55
CA LEU A 65 -1.64 13.76 20.26
C LEU A 65 -2.39 12.43 20.31
N GLU A 66 -1.85 11.44 21.04
CA GLU A 66 -2.56 10.15 21.21
C GLU A 66 -3.93 10.38 21.82
N GLU A 67 -4.00 11.28 22.84
CA GLU A 67 -5.30 11.56 23.48
C GLU A 67 -6.24 12.30 22.50
N ILE A 68 -5.72 13.21 21.68
CA ILE A 68 -6.52 13.90 20.65
C ILE A 68 -7.15 12.81 19.72
N PHE A 69 -6.32 11.89 19.22
CA PHE A 69 -6.83 10.83 18.34
C PHE A 69 -7.79 9.90 19.07
N ARG A 70 -7.48 9.51 20.34
CA ARG A 70 -8.35 8.61 21.13
C ARG A 70 -9.74 9.23 21.29
N VAL A 71 -9.82 10.49 21.76
CA VAL A 71 -11.09 11.23 21.95
C VAL A 71 -11.82 11.39 20.60
N TYR A 72 -11.07 11.78 19.53
CA TYR A 72 -11.64 11.94 18.18
C TYR A 72 -12.25 10.61 17.65
N ILE A 73 -11.49 9.51 17.69
CA ILE A 73 -11.91 8.20 17.17
C ILE A 73 -13.18 7.71 17.87
N PHE A 74 -13.22 7.80 19.21
CA PHE A 74 -14.40 7.40 19.99
C PHE A 74 -15.56 8.35 19.69
N GLY A 75 -15.26 9.64 19.69
CA GLY A 75 -16.23 10.70 19.43
C GLY A 75 -16.85 10.65 18.05
N PHE A 76 -16.02 10.33 17.01
CA PHE A 76 -16.45 10.23 15.62
C PHE A 76 -17.52 9.13 15.47
N ALA A 77 -17.27 7.92 16.04
CA ALA A 77 -18.25 6.83 15.94
C ALA A 77 -19.55 7.22 16.64
N ARG A 78 -19.43 7.84 17.82
CA ARG A 78 -20.55 8.32 18.64
C ARG A 78 -21.41 9.31 17.84
N GLU A 79 -20.78 10.34 17.25
CA GLU A 79 -21.45 11.38 16.44
C GLU A 79 -22.01 10.82 15.12
N VAL A 80 -21.32 9.91 14.39
CA VAL A 80 -21.86 9.35 13.13
C VAL A 80 -23.13 8.55 13.45
N GLN A 81 -23.11 7.74 14.55
CA GLN A 81 -24.27 6.94 14.97
C GLN A 81 -25.49 7.81 15.28
N ASP A 82 -25.25 8.96 15.93
CA ASP A 82 -26.30 9.90 16.33
C ASP A 82 -26.90 10.61 15.11
N PHE A 83 -26.08 10.92 14.10
CA PHE A 83 -26.55 11.61 12.90
C PHE A 83 -26.92 10.67 11.76
N ALA A 84 -26.72 9.34 11.90
CA ALA A 84 -27.01 8.37 10.85
C ALA A 84 -28.46 8.43 10.34
N GLY A 85 -29.42 8.72 11.23
CA GLY A 85 -30.83 8.79 10.87
C GLY A 85 -31.15 9.97 9.98
N ASP A 86 -30.66 11.14 10.38
CA ASP A 86 -30.78 12.44 9.71
C ASP A 86 -30.12 12.38 8.31
N PHE A 87 -29.00 11.64 8.20
CA PHE A 87 -28.26 11.47 6.94
C PHE A 87 -28.77 10.26 6.10
N GLN A 88 -29.91 9.63 6.48
CA GLN A 88 -30.52 8.50 5.76
C GLN A 88 -29.49 7.35 5.47
N MET A 89 -28.67 7.03 6.47
CA MET A 89 -27.63 6.02 6.30
C MET A 89 -28.17 4.64 6.44
N LYS A 90 -27.84 3.77 5.48
CA LYS A 90 -28.17 2.36 5.53
C LYS A 90 -26.93 1.60 5.98
N TYR A 91 -27.09 0.80 7.03
CA TYR A 91 -26.05 -0.05 7.61
C TYR A 91 -25.93 -1.37 6.84
N PRO A 92 -24.71 -1.94 6.69
CA PRO A 92 -23.40 -1.42 7.13
C PRO A 92 -22.84 -0.39 6.16
N PHE A 93 -21.99 0.51 6.67
CA PHE A 93 -21.29 1.44 5.79
C PHE A 93 -19.88 1.65 6.34
N GLU A 94 -18.98 2.12 5.51
CA GLU A 94 -17.60 2.32 5.91
C GLU A 94 -17.12 3.67 5.48
N ILE A 95 -16.45 4.37 6.40
CA ILE A 95 -15.91 5.70 6.15
C ILE A 95 -14.41 5.62 6.23
N GLN A 96 -13.73 6.31 5.34
CA GLN A 96 -12.26 6.37 5.35
C GLN A 96 -11.81 7.82 5.37
N GLY A 97 -10.65 8.03 5.96
CA GLY A 97 -10.08 9.37 6.01
C GLY A 97 -8.57 9.25 5.92
N ILE A 98 -7.94 10.28 5.31
CA ILE A 98 -6.49 10.36 5.21
C ILE A 98 -6.12 11.81 5.48
N ALA A 99 -5.09 12.06 6.30
CA ALA A 99 -4.70 13.45 6.57
C ALA A 99 -3.20 13.48 6.75
N GLY A 100 -2.56 14.56 6.34
CA GLY A 100 -1.13 14.64 6.53
C GLY A 100 -0.49 15.75 5.78
N CYS A 101 0.84 15.64 5.55
CA CYS A 101 1.52 16.71 4.86
C CYS A 101 2.71 16.17 4.10
N GLU A 102 3.22 16.95 3.16
CA GLU A 102 4.27 16.49 2.26
C GLU A 102 5.23 17.61 1.91
N LEU A 103 6.53 17.26 1.80
CA LEU A 103 7.62 18.18 1.48
C LEU A 103 7.83 18.17 -0.02
N HIS A 104 7.66 19.35 -0.66
CA HIS A 104 7.82 19.56 -2.10
C HIS A 104 9.21 20.03 -2.49
N SER A 105 9.57 19.85 -3.78
CA SER A 105 10.81 20.42 -4.28
C SER A 105 10.69 21.94 -4.14
N GLY A 106 11.71 22.58 -3.59
CA GLY A 106 11.67 24.01 -3.30
C GLY A 106 11.45 24.25 -1.81
N GLY A 107 11.09 23.16 -1.11
CA GLY A 107 10.95 23.15 0.35
C GLY A 107 9.58 23.39 0.94
N ALA A 108 8.57 23.77 0.16
CA ALA A 108 7.24 24.01 0.75
C ALA A 108 6.63 22.74 1.32
N ILE A 109 5.89 22.86 2.41
CA ILE A 109 5.19 21.71 2.97
C ILE A 109 3.71 21.93 2.74
N VAL A 110 3.04 20.98 2.05
CA VAL A 110 1.63 21.10 1.71
C VAL A 110 0.88 20.10 2.56
N SER A 111 -0.27 20.51 3.10
CA SER A 111 -1.12 19.66 3.93
C SER A 111 -2.40 19.28 3.20
N PHE A 112 -2.93 18.10 3.56
CA PHE A 112 -4.13 17.55 2.95
C PHE A 112 -4.98 16.78 3.94
N LEU A 113 -6.27 16.69 3.64
CA LEU A 113 -7.22 15.90 4.41
C LEU A 113 -8.32 15.51 3.47
N ARG A 114 -8.55 14.21 3.31
N ARG A 114 -8.56 14.21 3.30
CA ARG A 114 -9.61 13.69 2.42
CA ARG A 114 -9.62 13.71 2.41
C ARG A 114 -10.43 12.67 3.15
C ARG A 114 -10.43 12.67 3.12
N GLY A 115 -11.72 12.60 2.82
CA GLY A 115 -12.63 11.63 3.42
C GLY A 115 -13.43 10.92 2.34
N ALA A 116 -13.85 9.69 2.63
CA ALA A 116 -14.67 8.87 1.74
C ALA A 116 -15.76 8.14 2.51
N LEU A 117 -16.84 7.84 1.78
CA LEU A 117 -17.98 7.09 2.27
C LEU A 117 -18.32 6.07 1.19
N GLY A 118 -18.48 4.81 1.55
CA GLY A 118 -18.78 3.75 0.60
C GLY A 118 -17.74 3.54 -0.49
N GLY A 119 -16.48 3.89 -0.21
CA GLY A 119 -15.37 3.79 -1.16
C GLY A 119 -15.32 4.88 -2.20
N LEU A 120 -16.13 5.92 -2.02
CA LEU A 120 -16.20 7.06 -2.93
C LEU A 120 -15.82 8.32 -2.23
N ASP A 121 -15.12 9.23 -2.95
CA ASP A 121 -14.73 10.54 -2.41
C ASP A 121 -15.94 11.23 -1.81
N PHE A 122 -15.75 11.82 -0.64
CA PHE A 122 -16.82 12.49 0.09
C PHE A 122 -16.48 13.94 0.37
N LEU A 123 -15.31 14.21 0.94
CA LEU A 123 -14.93 15.59 1.24
C LEU A 123 -13.43 15.74 1.21
N SER A 124 -13.00 16.98 1.23
CA SER A 124 -11.58 17.31 1.33
C SER A 124 -11.44 18.62 2.10
N VAL A 125 -10.21 18.93 2.53
CA VAL A 125 -9.94 20.19 3.21
C VAL A 125 -8.97 20.98 2.38
N LYS A 126 -9.41 22.18 1.98
CA LYS A 126 -8.59 23.14 1.22
C LYS A 126 -8.71 24.47 1.92
N ASN A 127 -7.58 25.14 2.19
CA ASN A 127 -7.56 26.47 2.82
C ASN A 127 -8.28 26.42 4.19
N ALA A 128 -8.02 25.35 5.00
CA ALA A 128 -8.60 25.10 6.33
C ALA A 128 -10.17 25.06 6.35
N SER A 129 -10.81 24.72 5.21
N SER A 129 -10.80 24.73 5.20
CA SER A 129 -12.26 24.66 5.09
CA SER A 129 -12.26 24.68 5.06
C SER A 129 -12.73 23.31 4.51
C SER A 129 -12.75 23.34 4.48
N CYS A 130 -13.97 22.92 4.88
CA CYS A 130 -14.63 21.69 4.43
C CYS A 130 -15.15 21.88 3.01
N VAL A 131 -14.66 21.09 2.07
CA VAL A 131 -15.07 21.12 0.65
C VAL A 131 -15.80 19.81 0.32
N PRO A 132 -17.13 19.82 0.06
CA PRO A 132 -17.78 18.57 -0.33
C PRO A 132 -17.39 18.12 -1.73
N SER A 133 -17.20 16.81 -1.91
N SER A 133 -17.18 16.81 -1.91
CA SER A 133 -16.87 16.23 -3.22
CA SER A 133 -16.86 16.24 -3.22
C SER A 133 -18.17 15.97 -4.00
C SER A 133 -18.16 15.98 -3.99
N PRO A 134 -18.18 16.07 -5.35
CA PRO A 134 -19.42 15.80 -6.12
C PRO A 134 -20.04 14.42 -5.86
N GLU A 135 -19.19 13.38 -5.74
CA GLU A 135 -19.60 11.99 -5.45
C GLU A 135 -20.32 11.88 -4.10
N GLY A 136 -20.03 12.80 -3.19
CA GLY A 136 -20.64 12.85 -1.85
C GLY A 136 -22.06 13.37 -1.86
N GLY A 137 -22.42 14.06 -2.95
CA GLY A 137 -23.76 14.61 -3.17
C GLY A 137 -24.27 15.53 -2.09
N SER A 138 -25.60 15.49 -1.88
CA SER A 138 -26.26 16.34 -0.89
C SER A 138 -25.78 16.00 0.52
N ARG A 139 -25.42 14.74 0.76
CA ARG A 139 -24.97 14.28 2.07
C ARG A 139 -23.66 14.97 2.49
N ALA A 140 -22.72 15.12 1.55
CA ALA A 140 -21.45 15.76 1.84
C ALA A 140 -21.61 17.26 2.03
N GLN A 141 -22.60 17.85 1.34
CA GLN A 141 -22.97 19.27 1.50
C GLN A 141 -23.53 19.47 2.93
N LYS A 142 -24.42 18.58 3.40
CA LYS A 142 -24.98 18.62 4.76
C LYS A 142 -23.91 18.36 5.83
N PHE A 143 -22.95 17.45 5.57
CA PHE A 143 -21.87 17.18 6.52
C PHE A 143 -20.98 18.42 6.71
N CYS A 144 -20.64 19.11 5.59
CA CYS A 144 -19.78 20.29 5.68
C CYS A 144 -20.51 21.41 6.38
N ALA A 145 -21.85 21.47 6.26
CA ALA A 145 -22.65 22.50 6.97
C ALA A 145 -22.62 22.25 8.47
N LEU A 146 -22.69 21.00 8.87
CA LEU A 146 -22.76 20.55 10.25
C LEU A 146 -21.44 20.73 10.98
N ILE A 147 -20.34 20.29 10.35
CA ILE A 147 -19.02 20.32 10.96
C ILE A 147 -18.47 21.76 11.18
N ILE A 148 -18.85 22.75 10.34
CA ILE A 148 -18.37 24.14 10.46
C ILE A 148 -19.14 24.93 11.56
N GLN A 149 -20.20 24.34 12.13
CA GLN A 149 -21.00 24.87 13.25
C GLN A 149 -20.22 24.75 14.54
N TYR A 150 -19.24 23.85 14.55
CA TYR A 150 -18.41 23.51 15.70
C TYR A 150 -16.98 23.99 15.45
N GLN A 151 -16.70 25.23 15.91
CA GLN A 151 -15.40 25.89 15.74
C GLN A 151 -14.24 25.16 16.44
N GLY A 152 -14.54 24.34 17.46
CA GLY A 152 -13.55 23.57 18.20
C GLY A 152 -12.84 22.54 17.31
N ILE A 153 -13.62 21.77 16.52
CA ILE A 153 -13.14 20.75 15.58
C ILE A 153 -12.33 21.42 14.46
N MET A 154 -12.87 22.48 13.83
CA MET A 154 -12.21 23.23 12.74
C MET A 154 -10.85 23.71 13.15
N GLU A 155 -10.75 24.35 14.34
CA GLU A 155 -9.50 24.90 14.84
C GLU A 155 -8.49 23.79 15.12
N THR A 156 -8.93 22.68 15.73
CA THR A 156 -8.04 21.53 16.06
C THR A 156 -7.50 20.93 14.75
N VAL A 157 -8.37 20.78 13.74
CA VAL A 157 -7.95 20.26 12.42
C VAL A 157 -6.90 21.21 11.81
N ARG A 158 -7.17 22.54 11.80
CA ARG A 158 -6.26 23.54 11.25
C ARG A 158 -4.87 23.44 11.88
N ILE A 159 -4.81 23.38 13.21
CA ILE A 159 -3.55 23.31 13.92
C ILE A 159 -2.79 22.03 13.57
N LEU A 160 -3.51 20.89 13.56
CA LEU A 160 -2.88 19.62 13.28
C LEU A 160 -2.35 19.58 11.86
N LEU A 161 -3.15 20.06 10.91
CA LEU A 161 -2.75 20.04 9.51
C LEU A 161 -1.65 21.00 9.19
N TYR A 162 -1.80 22.28 9.60
CA TYR A 162 -0.89 23.31 9.12
C TYR A 162 0.23 23.68 10.07
N GLU A 163 0.15 23.30 11.34
CA GLU A 163 1.20 23.65 12.31
C GLU A 163 1.90 22.42 12.88
N THR A 164 1.15 21.41 13.32
CA THR A 164 1.74 20.21 13.93
C THR A 164 2.36 19.29 12.88
N CYS A 165 1.62 18.93 11.82
CA CYS A 165 2.12 17.99 10.82
C CYS A 165 3.47 18.44 10.20
N PRO A 166 3.65 19.72 9.79
CA PRO A 166 4.91 20.08 9.12
C PRO A 166 6.15 19.91 10.00
N ARG A 167 6.07 20.31 11.25
CA ARG A 167 7.24 20.14 12.11
C ARG A 167 7.43 18.69 12.48
N TYR A 168 6.33 17.91 12.56
CA TYR A 168 6.43 16.49 12.85
C TYR A 168 7.12 15.77 11.69
N LEU A 169 6.70 16.09 10.47
CA LEU A 169 7.29 15.51 9.28
C LEU A 169 8.79 15.75 9.23
N LEU A 170 9.21 17.01 9.37
CA LEU A 170 10.66 17.25 9.32
C LEU A 170 11.41 16.50 10.43
N GLY A 171 10.85 16.53 11.63
CA GLY A 171 11.45 15.84 12.77
C GLY A 171 11.63 14.34 12.58
N VAL A 172 10.61 13.66 12.01
CA VAL A 172 10.65 12.21 11.83
C VAL A 172 11.51 11.82 10.59
N LEU A 173 11.54 12.66 9.55
CA LEU A 173 12.40 12.34 8.38
C LEU A 173 13.85 12.35 8.83
N ASN A 174 14.19 13.32 9.68
CA ASN A 174 15.52 13.39 10.30
C ASN A 174 15.77 12.20 11.24
N ALA A 175 14.89 11.98 12.24
CA ALA A 175 15.05 10.91 13.25
C ALA A 175 15.15 9.54 12.62
N GLY A 176 14.45 9.33 11.49
CA GLY A 176 14.48 8.03 10.80
C GLY A 176 15.42 7.83 9.62
N LYS A 177 16.28 8.80 9.33
CA LYS A 177 17.18 8.83 8.17
C LYS A 177 18.03 7.54 7.99
N ALA A 178 18.43 6.87 9.09
CA ALA A 178 19.27 5.66 8.93
C ALA A 178 18.48 4.53 8.22
N ASP A 179 17.15 4.51 8.38
CA ASP A 179 16.28 3.54 7.70
C ASP A 179 15.69 4.12 6.42
N LEU A 180 15.28 5.39 6.45
CA LEU A 180 14.61 6.01 5.32
C LEU A 180 15.52 6.35 4.14
N GLN A 181 16.76 6.68 4.44
CA GLN A 181 17.68 7.06 3.38
C GLN A 181 18.73 5.98 3.11
N ARG A 182 18.50 4.74 3.59
CA ARG A 182 19.39 3.64 3.27
C ARG A 182 19.24 3.25 1.78
N GLN A 183 20.23 2.52 1.28
CA GLN A 183 20.23 2.03 -0.09
C GLN A 183 20.35 0.50 -0.04
N VAL A 184 19.40 -0.21 -0.67
CA VAL A 184 19.40 -1.68 -0.72
C VAL A 184 19.40 -2.12 -2.16
N LYS A 185 20.38 -2.95 -2.55
CA LYS A 185 20.51 -3.38 -3.94
C LYS A 185 19.45 -4.36 -4.38
N PRO A 186 18.90 -4.18 -5.59
CA PRO A 186 18.00 -5.20 -6.13
C PRO A 186 18.73 -6.43 -6.65
N GLU A 187 17.98 -7.52 -6.74
CA GLU A 187 18.45 -8.70 -7.45
C GLU A 187 17.51 -8.86 -8.60
N ALA A 188 18.00 -9.39 -9.73
CA ALA A 188 17.13 -9.55 -10.90
C ALA A 188 17.32 -10.89 -11.56
N TRP A 189 16.25 -11.39 -12.19
CA TRP A 189 16.28 -12.67 -12.90
C TRP A 189 15.26 -12.69 -14.00
N LEU A 190 15.48 -13.58 -14.97
CA LEU A 190 14.58 -13.69 -16.11
C LEU A 190 13.74 -14.93 -16.02
N SER A 191 12.54 -14.86 -16.61
CA SER A 191 11.67 -16.04 -16.75
C SER A 191 10.81 -15.92 -18.01
N SER A 192 10.04 -17.00 -18.36
N SER A 192 10.07 -16.99 -18.31
CA SER A 192 9.11 -17.05 -19.49
CA SER A 192 9.10 -17.04 -19.40
C SER A 192 7.68 -16.99 -18.99
C SER A 192 7.72 -16.81 -18.81
N GLY A 193 6.91 -16.03 -19.51
CA GLY A 193 5.53 -15.79 -19.11
C GLY A 193 4.57 -16.57 -19.98
N PRO A 194 3.25 -16.51 -19.72
CA PRO A 194 2.30 -17.21 -20.61
C PRO A 194 2.34 -16.55 -21.99
N SER A 195 2.18 -17.33 -23.07
CA SER A 195 2.17 -16.80 -24.44
C SER A 195 1.09 -15.72 -24.61
N PRO A 196 1.45 -14.50 -25.05
CA PRO A 196 0.43 -13.45 -25.18
C PRO A 196 -0.45 -13.57 -26.41
N GLY A 197 -0.02 -14.38 -27.39
CA GLY A 197 -0.74 -14.61 -28.64
C GLY A 197 -0.03 -15.52 -29.63
N PRO A 198 -0.66 -15.79 -30.80
CA PRO A 198 -0.05 -16.72 -31.79
C PRO A 198 1.35 -16.33 -32.27
N GLY A 199 2.26 -17.29 -32.18
CA GLY A 199 3.67 -17.16 -32.55
C GLY A 199 4.42 -16.17 -31.68
N ARG A 200 3.88 -15.89 -30.47
CA ARG A 200 4.48 -14.92 -29.55
C ARG A 200 4.76 -15.50 -28.19
N LEU A 201 5.86 -15.04 -27.60
CA LEU A 201 6.35 -15.34 -26.27
C LEU A 201 6.25 -14.13 -25.38
N GLN A 202 6.22 -14.33 -24.07
CA GLN A 202 6.29 -13.23 -23.14
C GLN A 202 7.53 -13.46 -22.28
N LEU A 203 8.46 -12.51 -22.32
CA LEU A 203 9.68 -12.58 -21.51
C LEU A 203 9.51 -11.72 -20.29
N VAL A 204 9.98 -12.19 -19.11
CA VAL A 204 9.76 -11.47 -17.86
C VAL A 204 11.08 -11.16 -17.18
N CYS A 205 11.27 -9.89 -16.83
CA CYS A 205 12.42 -9.47 -16.04
C CYS A 205 11.94 -9.09 -14.64
N HIS A 206 12.31 -9.92 -13.65
CA HIS A 206 11.94 -9.70 -12.25
C HIS A 206 13.01 -8.88 -11.55
N VAL A 207 12.60 -7.87 -10.79
CA VAL A 207 13.53 -7.03 -10.03
C VAL A 207 13.01 -6.97 -8.59
N SER A 208 13.80 -7.44 -7.62
CA SER A 208 13.29 -7.55 -6.26
C SER A 208 14.29 -7.17 -5.18
N GLY A 209 13.80 -6.60 -4.09
CA GLY A 209 14.62 -6.31 -2.92
C GLY A 209 15.29 -4.96 -2.88
N PHE A 210 14.84 -4.04 -3.73
CA PHE A 210 15.41 -2.72 -3.79
C PHE A 210 14.73 -1.75 -2.86
N TYR A 211 15.53 -0.78 -2.41
CA TYR A 211 15.11 0.35 -1.62
C TYR A 211 16.11 1.48 -1.85
N PRO A 212 15.69 2.75 -2.08
CA PRO A 212 14.32 3.30 -2.14
C PRO A 212 13.56 2.82 -3.37
N LYS A 213 12.30 3.25 -3.47
CA LYS A 213 11.34 2.81 -4.47
C LYS A 213 11.68 3.16 -5.91
N PRO A 214 12.23 4.36 -6.25
CA PRO A 214 12.48 4.66 -7.66
C PRO A 214 13.46 3.68 -8.29
N VAL A 215 13.06 3.13 -9.43
CA VAL A 215 13.84 2.12 -10.13
C VAL A 215 13.56 2.24 -11.62
N TRP A 216 14.53 1.82 -12.44
CA TRP A 216 14.40 1.86 -13.91
C TRP A 216 14.70 0.48 -14.42
N VAL A 217 13.74 -0.09 -15.15
N VAL A 217 13.76 -0.09 -15.17
CA VAL A 217 13.91 -1.43 -15.73
CA VAL A 217 13.96 -1.41 -15.75
C VAL A 217 13.44 -1.39 -17.19
C VAL A 217 13.44 -1.41 -17.18
N MET A 218 14.27 -1.82 -18.12
CA MET A 218 13.89 -1.85 -19.52
C MET A 218 14.43 -3.06 -20.22
N TRP A 219 13.65 -3.58 -21.15
CA TRP A 219 14.11 -4.60 -22.09
C TRP A 219 14.88 -3.83 -23.15
N MET A 220 16.05 -4.34 -23.53
CA MET A 220 16.97 -3.71 -24.48
C MET A 220 17.42 -4.67 -25.57
N ARG A 221 17.86 -4.07 -26.68
CA ARG A 221 18.64 -4.73 -27.74
C ARG A 221 19.87 -3.87 -27.86
N GLY A 222 20.95 -4.29 -27.21
CA GLY A 222 22.17 -3.50 -27.11
C GLY A 222 21.88 -2.27 -26.26
N GLU A 223 22.10 -1.08 -26.85
CA GLU A 223 21.87 0.21 -26.21
C GLU A 223 20.46 0.76 -26.53
N GLN A 224 19.66 0.00 -27.30
CA GLN A 224 18.32 0.43 -27.71
C GLN A 224 17.20 -0.10 -26.79
N GLU A 225 16.47 0.82 -26.18
CA GLU A 225 15.34 0.54 -25.32
C GLU A 225 14.15 -0.01 -26.15
N GLN A 226 13.59 -1.14 -25.72
CA GLN A 226 12.41 -1.73 -26.37
C GLN A 226 11.15 -1.05 -25.81
N GLN A 227 10.46 -0.24 -26.65
CA GLN A 227 9.27 0.53 -26.22
C GLN A 227 8.06 -0.36 -25.85
N GLY A 228 8.11 -1.63 -26.23
CA GLY A 228 7.09 -2.60 -25.88
C GLY A 228 7.15 -3.03 -24.42
N THR A 229 8.23 -2.66 -23.71
CA THR A 229 8.40 -3.03 -22.29
C THR A 229 7.17 -2.61 -21.50
N GLN A 230 6.54 -3.56 -20.81
CA GLN A 230 5.39 -3.26 -19.97
C GLN A 230 5.77 -3.42 -18.51
N LEU A 231 5.57 -2.38 -17.72
CA LEU A 231 5.91 -2.45 -16.30
C LEU A 231 4.69 -2.88 -15.52
N GLY A 232 4.87 -3.87 -14.68
CA GLY A 232 3.79 -4.32 -13.81
C GLY A 232 3.66 -3.34 -12.67
N ASP A 233 2.77 -3.62 -11.75
CA ASP A 233 2.63 -2.75 -10.60
C ASP A 233 3.78 -3.01 -9.63
N ILE A 234 4.28 -1.97 -8.94
N ILE A 234 4.24 -1.97 -8.95
CA ILE A 234 5.37 -2.15 -7.97
CA ILE A 234 5.31 -2.09 -7.97
C ILE A 234 4.74 -2.78 -6.74
C ILE A 234 4.69 -2.79 -6.74
N LEU A 235 5.20 -3.98 -6.40
CA LEU A 235 4.64 -4.77 -5.30
C LEU A 235 5.52 -4.76 -4.08
N PRO A 236 4.94 -4.78 -2.87
CA PRO A 236 5.80 -4.75 -1.69
C PRO A 236 6.37 -6.09 -1.32
N ASN A 237 7.54 -6.03 -0.71
CA ASN A 237 8.20 -7.13 -0.03
C ASN A 237 8.16 -6.82 1.42
N ALA A 238 8.38 -7.83 2.26
CA ALA A 238 8.55 -7.61 3.67
C ALA A 238 9.80 -6.74 3.88
N ASN A 239 9.92 -6.09 5.02
CA ASN A 239 11.10 -5.31 5.41
C ASN A 239 11.45 -4.14 4.47
N TRP A 240 10.43 -3.41 4.03
CA TRP A 240 10.56 -2.15 3.28
C TRP A 240 11.43 -2.24 2.02
N THR A 241 11.13 -3.20 1.16
CA THR A 241 11.73 -3.34 -0.16
C THR A 241 10.57 -3.58 -1.13
N TRP A 242 10.90 -3.57 -2.43
N TRP A 242 10.85 -3.49 -2.45
CA TRP A 242 9.93 -3.66 -3.50
CA TRP A 242 9.81 -3.71 -3.45
C TRP A 242 10.24 -4.74 -4.53
C TRP A 242 10.20 -4.76 -4.47
N TYR A 243 9.22 -5.12 -5.31
CA TYR A 243 9.30 -6.10 -6.35
C TYR A 243 8.63 -5.54 -7.60
N LEU A 244 9.25 -5.74 -8.77
CA LEU A 244 8.67 -5.25 -10.03
C LEU A 244 8.95 -6.25 -11.15
N ARG A 245 7.97 -6.43 -12.05
CA ARG A 245 8.15 -7.28 -13.24
C ARG A 245 8.05 -6.40 -14.44
N ALA A 246 9.00 -6.51 -15.37
CA ALA A 246 9.00 -5.80 -16.66
C ALA A 246 8.87 -6.88 -17.71
N THR A 247 7.77 -6.85 -18.50
CA THR A 247 7.54 -7.91 -19.48
C THR A 247 7.73 -7.40 -20.90
N LEU A 248 7.92 -8.32 -21.85
CA LEU A 248 8.06 -8.01 -23.26
C LEU A 248 7.48 -9.12 -24.10
N ASP A 249 6.56 -8.75 -24.98
CA ASP A 249 5.91 -9.66 -25.89
C ASP A 249 6.70 -9.58 -27.18
N VAL A 250 7.26 -10.73 -27.62
N VAL A 250 7.24 -10.73 -27.61
CA VAL A 250 8.13 -10.86 -28.78
CA VAL A 250 8.05 -10.89 -28.83
C VAL A 250 7.80 -12.18 -29.53
C VAL A 250 7.65 -12.15 -29.58
N ALA A 251 7.97 -12.22 -30.88
CA ALA A 251 7.79 -13.43 -31.69
C ALA A 251 8.98 -14.35 -31.34
N ASP A 252 8.80 -15.70 -31.30
N ASP A 252 8.78 -15.70 -31.34
CA ASP A 252 9.84 -16.67 -30.89
CA ASP A 252 9.76 -16.74 -30.99
C ASP A 252 11.23 -16.42 -31.52
C ASP A 252 11.19 -16.49 -31.53
N GLY A 253 11.28 -16.23 -32.83
CA GLY A 253 12.55 -16.00 -33.53
C GLY A 253 13.19 -14.64 -33.34
N GLU A 254 12.58 -13.78 -32.52
CA GLU A 254 13.11 -12.43 -32.30
C GLU A 254 13.53 -12.18 -30.83
N ALA A 255 13.48 -13.24 -29.96
CA ALA A 255 13.87 -13.12 -28.56
C ALA A 255 15.40 -13.05 -28.43
N ALA A 256 16.12 -13.69 -29.39
CA ALA A 256 17.59 -13.67 -29.34
C ALA A 256 18.09 -12.25 -29.50
N GLY A 257 19.01 -11.87 -28.63
CA GLY A 257 19.63 -10.55 -28.61
C GLY A 257 19.05 -9.61 -27.59
N LEU A 258 17.99 -10.04 -26.90
CA LEU A 258 17.37 -9.21 -25.86
C LEU A 258 18.14 -9.30 -24.54
N SER A 259 18.09 -8.23 -23.79
CA SER A 259 18.65 -8.14 -22.46
C SER A 259 17.70 -7.32 -21.60
N CYS A 260 17.81 -7.45 -20.29
CA CYS A 260 17.03 -6.62 -19.38
C CYS A 260 18.02 -5.75 -18.64
N ARG A 261 17.80 -4.43 -18.55
CA ARG A 261 18.74 -3.55 -17.86
C ARG A 261 18.05 -2.92 -16.67
N VAL A 262 18.71 -2.95 -15.53
CA VAL A 262 18.20 -2.39 -14.28
C VAL A 262 19.09 -1.27 -13.82
N LYS A 263 18.50 -0.11 -13.57
CA LYS A 263 19.23 1.03 -12.99
C LYS A 263 18.58 1.36 -11.65
N HIS A 264 19.37 1.51 -10.60
CA HIS A 264 18.86 1.86 -9.26
C HIS A 264 19.95 2.63 -8.53
N SER A 265 19.55 3.57 -7.68
CA SER A 265 20.47 4.42 -6.92
C SER A 265 21.56 3.63 -6.15
N SER A 266 21.24 2.42 -5.63
CA SER A 266 22.14 1.57 -4.86
C SER A 266 23.28 0.95 -5.68
N LEU A 267 23.13 0.93 -7.03
CA LEU A 267 24.10 0.29 -7.92
C LEU A 267 25.25 1.23 -8.26
N GLU A 268 25.16 2.52 -7.87
CA GLU A 268 26.20 3.53 -8.09
C GLU A 268 26.71 3.49 -9.55
N GLY A 269 25.79 3.49 -10.50
CA GLY A 269 26.13 3.49 -11.92
C GLY A 269 26.45 2.14 -12.57
N GLN A 270 26.59 1.06 -11.78
CA GLN A 270 26.88 -0.27 -12.33
C GLN A 270 25.56 -0.97 -12.64
N ASP A 271 24.92 -0.69 -13.78
CA ASP A 271 23.63 -1.30 -14.07
C ASP A 271 23.67 -2.83 -14.04
N ILE A 272 22.56 -3.46 -13.65
CA ILE A 272 22.45 -4.92 -13.74
C ILE A 272 21.99 -5.22 -15.18
N ILE A 273 22.66 -6.14 -15.89
CA ILE A 273 22.26 -6.50 -17.25
C ILE A 273 22.12 -8.00 -17.29
N LEU A 274 20.91 -8.48 -17.67
CA LEU A 274 20.63 -9.91 -17.82
C LEU A 274 20.45 -10.17 -19.29
N TYR A 275 20.96 -11.28 -19.80
CA TYR A 275 20.85 -11.55 -21.22
C TYR A 275 19.98 -12.75 -21.48
N TRP A 276 19.01 -12.59 -22.39
CA TRP A 276 18.16 -13.72 -22.74
C TRP A 276 18.95 -14.60 -23.66
N ARG A 277 19.01 -15.90 -23.38
CA ARG A 277 19.68 -16.86 -24.26
C ARG A 277 18.63 -17.89 -24.70
N GLY A 278 18.59 -18.20 -25.99
CA GLY A 278 17.60 -19.14 -26.54
C GLY A 278 17.75 -20.62 -26.26
N SER A 279 16.75 -21.41 -26.71
CA SER A 279 16.63 -22.87 -26.66
C SER A 279 17.07 -23.48 -25.30
N GLY A 280 16.54 -22.91 -24.22
CA GLY A 280 16.77 -23.32 -22.84
C GLY A 280 18.18 -23.19 -22.29
N LEU A 281 19.01 -22.27 -22.87
CA LEU A 281 20.40 -22.05 -22.41
C LEU A 281 20.46 -20.98 -21.33
N ILE B 1 -21.38 0.13 -4.07
CA ILE B 1 -20.73 -0.91 -4.87
C ILE B 1 -19.52 -1.48 -4.11
N GLN B 2 -19.52 -2.79 -3.94
CA GLN B 2 -18.44 -3.49 -3.27
C GLN B 2 -17.45 -3.98 -4.36
N ARG B 3 -16.16 -4.04 -4.04
CA ARG B 3 -15.09 -4.42 -4.98
C ARG B 3 -14.42 -5.66 -4.47
N THR B 4 -14.25 -6.67 -5.35
CA THR B 4 -13.68 -7.95 -4.95
C THR B 4 -12.15 -7.87 -4.93
N PRO B 5 -11.48 -8.64 -4.07
CA PRO B 5 -10.02 -8.54 -4.03
C PRO B 5 -9.30 -9.15 -5.23
N LYS B 6 -8.23 -8.46 -5.61
CA LYS B 6 -7.19 -8.93 -6.53
C LYS B 6 -6.16 -9.61 -5.65
N ILE B 7 -5.63 -10.75 -6.09
CA ILE B 7 -4.69 -11.54 -5.28
C ILE B 7 -3.49 -11.87 -6.13
N GLN B 8 -2.30 -11.45 -5.68
CA GLN B 8 -1.05 -11.70 -6.40
C GLN B 8 -0.11 -12.43 -5.47
N VAL B 9 0.39 -13.59 -5.90
CA VAL B 9 1.27 -14.47 -5.11
C VAL B 9 2.65 -14.52 -5.79
N TYR B 10 3.72 -14.21 -5.04
CA TYR B 10 5.08 -14.13 -5.61
C TYR B 10 6.11 -14.34 -4.54
N SER B 11 7.27 -14.84 -4.95
CA SER B 11 8.36 -15.06 -4.01
C SER B 11 9.31 -13.88 -4.03
N ARG B 12 9.94 -13.61 -2.90
CA ARG B 12 10.90 -12.50 -2.76
C ARG B 12 12.14 -12.74 -3.66
N HIS B 13 12.63 -13.99 -3.68
CA HIS B 13 13.78 -14.40 -4.47
C HIS B 13 13.34 -15.42 -5.54
N PRO B 14 14.11 -15.59 -6.64
CA PRO B 14 13.77 -16.64 -7.60
C PRO B 14 13.75 -17.99 -6.86
N ALA B 15 12.80 -18.85 -7.16
CA ALA B 15 12.72 -20.12 -6.44
C ALA B 15 13.83 -21.05 -6.87
N GLU B 16 14.48 -21.62 -5.88
CA GLU B 16 15.54 -22.61 -5.99
C GLU B 16 15.20 -23.63 -4.93
N ASN B 17 14.88 -24.86 -5.37
CA ASN B 17 14.49 -25.92 -4.44
C ASN B 17 15.55 -26.09 -3.36
N GLY B 18 15.09 -26.04 -2.10
CA GLY B 18 15.96 -26.20 -0.94
C GLY B 18 16.59 -24.94 -0.41
N LYS B 19 16.29 -23.77 -1.02
CA LYS B 19 16.88 -22.51 -0.55
C LYS B 19 15.80 -21.62 0.09
N SER B 20 16.14 -21.03 1.26
CA SER B 20 15.33 -20.13 2.08
C SER B 20 14.80 -18.98 1.24
N ASN B 21 13.52 -18.67 1.38
CA ASN B 21 12.85 -17.64 0.60
C ASN B 21 11.67 -17.06 1.42
N PHE B 22 10.91 -16.14 0.79
CA PHE B 22 9.71 -15.55 1.36
C PHE B 22 8.59 -15.66 0.36
N LEU B 23 7.43 -16.10 0.80
CA LEU B 23 6.23 -16.17 -0.03
C LEU B 23 5.36 -14.98 0.33
N ASN B 24 5.01 -14.16 -0.68
CA ASN B 24 4.18 -12.97 -0.49
C ASN B 24 2.86 -13.15 -1.14
N CYS B 25 1.83 -12.66 -0.50
CA CYS B 25 0.52 -12.57 -1.09
C CYS B 25 0.03 -11.14 -0.93
N TYR B 26 -0.14 -10.42 -2.04
CA TYR B 26 -0.59 -9.05 -2.02
C TYR B 26 -2.05 -9.01 -2.41
N VAL B 27 -2.92 -8.61 -1.46
CA VAL B 27 -4.37 -8.59 -1.67
C VAL B 27 -4.78 -7.13 -1.80
N SER B 28 -5.38 -6.73 -2.93
CA SER B 28 -5.64 -5.34 -3.22
C SER B 28 -6.97 -5.12 -3.98
N GLY B 29 -7.36 -3.86 -4.12
CA GLY B 29 -8.52 -3.42 -4.89
C GLY B 29 -9.85 -3.82 -4.30
N PHE B 30 -9.91 -4.12 -2.98
CA PHE B 30 -11.17 -4.57 -2.38
C PHE B 30 -11.85 -3.51 -1.54
N HIS B 31 -13.16 -3.67 -1.37
CA HIS B 31 -14.00 -2.78 -0.57
C HIS B 31 -15.30 -3.52 -0.28
N PRO B 32 -15.76 -3.59 1.00
CA PRO B 32 -15.23 -2.97 2.22
C PRO B 32 -13.99 -3.69 2.80
N SER B 33 -13.46 -3.20 3.93
CA SER B 33 -12.18 -3.66 4.49
C SER B 33 -12.19 -5.04 5.13
N ASP B 34 -13.34 -5.54 5.64
CA ASP B 34 -13.27 -6.84 6.33
C ASP B 34 -12.81 -7.95 5.36
N ILE B 35 -11.76 -8.70 5.74
CA ILE B 35 -11.19 -9.72 4.85
C ILE B 35 -10.45 -10.75 5.67
N GLU B 36 -10.36 -11.94 5.12
CA GLU B 36 -9.66 -13.04 5.76
C GLU B 36 -8.63 -13.54 4.77
N VAL B 37 -7.36 -13.55 5.18
CA VAL B 37 -6.27 -14.01 4.31
C VAL B 37 -5.47 -15.07 5.07
N ASP B 38 -5.18 -16.18 4.38
CA ASP B 38 -4.36 -17.28 4.88
C ASP B 38 -3.37 -17.70 3.80
N LEU B 39 -2.17 -18.10 4.20
CA LEU B 39 -1.16 -18.68 3.31
C LEU B 39 -1.24 -20.16 3.57
N LEU B 40 -1.17 -20.97 2.53
CA LEU B 40 -1.31 -22.42 2.69
C LEU B 40 -0.11 -23.15 2.19
N LYS B 41 0.25 -24.25 2.87
CA LYS B 41 1.28 -25.20 2.47
C LYS B 41 0.56 -26.54 2.30
N ASN B 42 0.38 -27.00 1.04
CA ASN B 42 -0.32 -28.23 0.67
C ASN B 42 -1.74 -28.20 1.24
N GLY B 43 -2.40 -27.05 1.09
CA GLY B 43 -3.77 -26.81 1.54
C GLY B 43 -3.98 -26.61 3.02
N GLU B 44 -2.89 -26.66 3.81
CA GLU B 44 -2.97 -26.48 5.26
C GLU B 44 -2.46 -25.09 5.64
N ARG B 45 -3.22 -24.39 6.49
CA ARG B 45 -2.93 -23.03 6.94
C ARG B 45 -1.58 -22.93 7.64
N ILE B 46 -0.77 -21.94 7.21
CA ILE B 46 0.53 -21.64 7.81
C ILE B 46 0.26 -20.70 9.00
N GLU B 47 0.69 -21.10 10.20
CA GLU B 47 0.44 -20.30 11.40
C GLU B 47 1.42 -19.12 11.55
N LYS B 48 2.68 -19.30 11.11
CA LYS B 48 3.63 -18.22 11.26
C LYS B 48 3.61 -17.29 10.04
N VAL B 49 2.57 -16.49 9.93
CA VAL B 49 2.40 -15.55 8.82
C VAL B 49 2.38 -14.15 9.43
N GLU B 50 3.05 -13.22 8.75
CA GLU B 50 3.08 -11.81 9.13
C GLU B 50 2.27 -11.05 8.11
N HIS B 51 1.73 -9.91 8.51
CA HIS B 51 0.93 -9.10 7.61
C HIS B 51 1.06 -7.64 7.94
N SER B 52 0.79 -6.81 6.93
CA SER B 52 0.76 -5.36 7.08
C SER B 52 -0.53 -4.94 7.75
N ASP B 53 -0.58 -3.74 8.27
CA ASP B 53 -1.84 -3.20 8.77
C ASP B 53 -2.56 -2.64 7.56
N LEU B 54 -3.89 -2.63 7.62
CA LEU B 54 -4.76 -2.14 6.58
C LEU B 54 -4.32 -0.78 6.02
N SER B 55 -4.29 -0.69 4.70
CA SER B 55 -4.01 0.56 4.02
C SER B 55 -4.91 0.64 2.82
N PHE B 56 -4.92 1.77 2.13
CA PHE B 56 -5.77 1.93 0.97
C PHE B 56 -5.10 2.81 -0.07
N SER B 57 -5.52 2.65 -1.34
N SER B 57 -5.50 2.66 -1.34
CA SER B 57 -4.98 3.39 -2.48
CA SER B 57 -4.91 3.45 -2.43
C SER B 57 -5.75 4.68 -2.73
C SER B 57 -5.71 4.71 -2.70
N LYS B 58 -5.31 5.51 -3.71
CA LYS B 58 -5.98 6.78 -4.03
C LYS B 58 -7.46 6.61 -4.40
N ASP B 59 -7.87 5.44 -4.95
CA ASP B 59 -9.27 5.19 -5.31
C ASP B 59 -10.04 4.61 -4.11
N TRP B 60 -9.43 4.62 -2.90
CA TRP B 60 -10.00 4.16 -1.63
C TRP B 60 -10.13 2.64 -1.47
N SER B 61 -9.64 1.87 -2.46
N SER B 61 -9.70 1.87 -2.48
CA SER B 61 -9.62 0.42 -2.40
CA SER B 61 -9.72 0.43 -2.37
C SER B 61 -8.57 -0.02 -1.39
C SER B 61 -8.61 -0.02 -1.39
N PHE B 62 -8.89 -1.03 -0.59
CA PHE B 62 -7.93 -1.47 0.43
C PHE B 62 -6.91 -2.40 -0.07
N TYR B 63 -5.75 -2.46 0.64
CA TYR B 63 -4.75 -3.46 0.30
C TYR B 63 -4.00 -3.92 1.54
N LEU B 64 -3.48 -5.16 1.48
CA LEU B 64 -2.71 -5.85 2.52
C LEU B 64 -1.65 -6.70 1.92
N LEU B 65 -0.54 -6.85 2.63
CA LEU B 65 0.50 -7.80 2.29
C LEU B 65 0.58 -8.86 3.37
N TYR B 66 0.45 -10.15 3.01
CA TYR B 66 0.66 -11.29 3.93
C TYR B 66 1.91 -12.02 3.48
N TYR B 67 2.84 -12.32 4.39
CA TYR B 67 4.05 -13.02 3.97
C TYR B 67 4.54 -14.06 4.99
N THR B 68 5.30 -15.03 4.51
CA THR B 68 5.87 -16.06 5.38
C THR B 68 7.18 -16.52 4.81
N GLU B 69 8.11 -16.94 5.66
CA GLU B 69 9.35 -17.50 5.20
C GLU B 69 9.08 -18.94 4.77
N PHE B 70 9.62 -19.38 3.65
CA PHE B 70 9.40 -20.74 3.16
C PHE B 70 10.62 -21.22 2.37
N THR B 71 10.73 -22.54 2.19
CA THR B 71 11.77 -23.13 1.39
C THR B 71 11.06 -23.90 0.27
N PRO B 72 11.08 -23.43 -0.99
CA PRO B 72 10.40 -24.20 -2.05
C PRO B 72 11.07 -25.57 -2.29
N THR B 73 10.26 -26.55 -2.72
CA THR B 73 10.70 -27.91 -3.06
C THR B 73 10.00 -28.31 -4.36
N GLU B 74 10.39 -29.46 -4.94
CA GLU B 74 9.77 -29.97 -6.16
C GLU B 74 8.26 -30.21 -5.98
N LYS B 75 7.87 -30.81 -4.84
CA LYS B 75 6.49 -31.23 -4.64
C LYS B 75 5.63 -30.34 -3.70
N ASP B 76 6.21 -29.63 -2.70
CA ASP B 76 5.38 -28.77 -1.83
C ASP B 76 4.65 -27.67 -2.64
N GLU B 77 3.33 -27.56 -2.42
CA GLU B 77 2.46 -26.58 -3.07
C GLU B 77 2.10 -25.46 -2.09
N TYR B 78 2.09 -24.23 -2.60
CA TYR B 78 1.79 -23.06 -1.78
C TYR B 78 0.71 -22.25 -2.42
N ALA B 79 -0.11 -21.58 -1.58
CA ALA B 79 -1.21 -20.77 -2.07
C ALA B 79 -1.62 -19.70 -1.08
N CYS B 80 -2.42 -18.78 -1.57
CA CYS B 80 -3.00 -17.74 -0.79
C CYS B 80 -4.52 -17.89 -0.86
N ARG B 81 -5.19 -17.92 0.31
CA ARG B 81 -6.63 -18.13 0.40
C ARG B 81 -7.27 -16.89 1.00
N VAL B 82 -8.23 -16.32 0.29
CA VAL B 82 -8.86 -15.07 0.71
C VAL B 82 -10.39 -15.21 0.77
N ASN B 83 -11.01 -14.71 1.85
CA ASN B 83 -12.47 -14.60 1.92
C ASN B 83 -12.82 -13.14 2.15
N HIS B 84 -13.89 -12.69 1.50
CA HIS B 84 -14.38 -11.31 1.49
C HIS B 84 -15.88 -11.39 1.30
N VAL B 85 -16.63 -10.36 1.70
CA VAL B 85 -18.09 -10.35 1.60
C VAL B 85 -18.56 -10.54 0.13
N THR B 86 -17.71 -10.15 -0.84
CA THR B 86 -18.07 -10.27 -2.27
C THR B 86 -17.95 -11.70 -2.80
N LEU B 87 -17.43 -12.64 -2.02
CA LEU B 87 -17.18 -14.01 -2.47
C LEU B 87 -18.04 -15.02 -1.74
N SER B 88 -18.59 -16.02 -2.42
CA SER B 88 -19.37 -17.10 -1.76
C SER B 88 -18.49 -18.01 -0.92
N GLN B 89 -17.32 -18.33 -1.44
CA GLN B 89 -16.42 -19.21 -0.71
C GLN B 89 -15.01 -18.67 -0.88
N PRO B 90 -14.05 -19.07 -0.03
CA PRO B 90 -12.69 -18.53 -0.18
C PRO B 90 -12.12 -18.73 -1.59
N LYS B 91 -11.45 -17.69 -2.10
CA LYS B 91 -10.77 -17.72 -3.40
C LYS B 91 -9.34 -18.17 -3.12
N ILE B 92 -8.81 -19.15 -3.91
CA ILE B 92 -7.47 -19.67 -3.71
C ILE B 92 -6.61 -19.37 -4.95
N VAL B 93 -5.46 -18.73 -4.76
CA VAL B 93 -4.50 -18.44 -5.85
C VAL B 93 -3.22 -19.17 -5.51
N LYS B 94 -2.89 -20.16 -6.31
CA LYS B 94 -1.70 -20.97 -6.08
C LYS B 94 -0.43 -20.24 -6.49
N TRP B 95 0.65 -20.45 -5.75
CA TRP B 95 1.94 -19.86 -6.15
C TRP B 95 2.45 -20.67 -7.31
N ASP B 96 2.90 -19.97 -8.37
CA ASP B 96 3.46 -20.59 -9.56
C ASP B 96 4.78 -19.92 -9.92
N ARG B 97 5.84 -20.69 -9.73
CA ARG B 97 7.25 -20.42 -10.01
C ARG B 97 7.48 -20.01 -11.49
N ASP B 98 6.74 -20.63 -12.41
CA ASP B 98 6.85 -20.38 -13.86
C ASP B 98 5.97 -19.21 -14.33
N MET B 99 5.08 -18.69 -13.46
CA MET B 99 4.20 -17.55 -13.77
C MET B 99 4.58 -16.34 -12.93
C1 NAG C . -8.79 31.26 2.27
C2 NAG C . -9.80 32.14 1.53
C3 NAG C . -9.52 33.58 1.95
C4 NAG C . -9.64 33.69 3.48
C5 NAG C . -8.61 32.76 4.13
C6 NAG C . -8.59 32.75 5.65
C7 NAG C . -10.56 31.29 -0.69
C8 NAG C . -11.83 30.85 -0.03
N2 NAG C . -9.69 31.99 0.08
O3 NAG C . -10.21 34.55 1.12
O4 NAG C . -9.50 35.02 3.98
O5 NAG C . -8.87 31.41 3.70
O6 NAG C . -9.80 32.30 6.23
O7 NAG C . -10.33 31.05 -1.86
C1 FUC C . -10.58 35.89 1.58
C2 FUC C . -9.66 37.03 1.05
C3 FUC C . -10.10 37.64 -0.29
C4 FUC C . -11.60 37.86 -0.36
C5 FUC C . -12.30 36.54 -0.01
C6 FUC C . -13.80 36.63 -0.09
O2 FUC C . -8.30 36.59 0.96
O3 FUC C . -9.44 38.88 -0.49
O4 FUC C . -12.02 38.90 0.51
O5 FUC C . -11.97 36.17 1.34
C1 NAG C . -10.56 35.41 4.85
C2 NAG C . -10.12 36.52 5.81
C3 NAG C . -11.22 36.39 6.86
C4 NAG C . -12.61 36.66 6.26
C5 NAG C . -12.87 35.82 5.01
C6 NAG C . -14.02 36.33 4.17
C7 NAG C . -7.71 36.78 6.28
C8 NAG C . -6.55 36.16 5.54
N2 NAG C . -8.84 36.05 6.31
O3 NAG C . -10.98 37.30 7.92
O4 NAG C . -13.61 36.36 7.22
O5 NAG C . -11.72 35.83 4.17
O6 NAG C . -15.15 35.49 4.26
O7 NAG C . -7.64 37.89 6.79
C1 NAG D . 11.23 19.45 15.28
C2 NAG D . 11.12 20.58 16.30
C3 NAG D . 10.48 21.83 15.69
C4 NAG D . 11.17 22.18 14.38
C5 NAG D . 11.27 20.99 13.43
C6 NAG D . 12.14 21.30 12.23
C7 NAG D . 9.09 19.91 17.59
C8 NAG D . 8.59 19.46 18.94
N2 NAG D . 10.41 20.16 17.50
O3 NAG D . 10.57 22.96 16.57
O4 NAG D . 10.48 23.24 13.74
O5 NAG D . 11.89 19.88 14.10
O6 NAG D . 13.45 21.63 12.71
O7 NAG D . 8.31 20.06 16.64
C1 NAG D . 11.24 24.33 13.27
C2 NAG D . 10.32 25.18 12.40
C3 NAG D . 11.09 26.44 11.99
C4 NAG D . 11.57 27.18 13.23
C5 NAG D . 12.44 26.26 14.08
C6 NAG D . 12.89 26.89 15.38
C7 NAG D . 8.57 24.16 11.01
C8 NAG D . 8.27 23.48 9.71
N2 NAG D . 9.84 24.46 11.22
O3 NAG D . 10.20 27.28 11.26
O4 NAG D . 12.35 28.32 12.89
O5 NAG D . 11.67 25.09 14.42
O6 NAG D . 13.89 26.09 15.99
O7 NAG D . 7.69 24.43 11.83
C1 BMA D . 11.76 29.58 13.12
C2 BMA D . 12.87 30.58 13.48
C3 BMA D . 12.23 31.94 13.75
C4 BMA D . 11.39 32.39 12.56
C5 BMA D . 10.38 31.30 12.19
C6 BMA D . 9.68 31.64 10.90
O2 BMA D . 13.82 30.68 12.42
O3 BMA D . 13.25 32.91 14.00
O4 BMA D . 10.68 33.58 12.87
O5 BMA D . 11.04 30.03 11.98
O6 BMA D . 8.71 30.66 10.58
C1 MAN D . 13.67 33.16 15.35
C2 MAN D . 14.42 34.50 15.40
C3 MAN D . 15.78 34.38 14.71
C4 MAN D . 16.59 33.23 15.27
C5 MAN D . 15.78 31.92 15.25
C6 MAN D . 16.46 30.80 15.98
O2 MAN D . 14.58 34.90 16.75
O3 MAN D . 16.51 35.59 14.88
O4 MAN D . 17.79 33.09 14.52
O5 MAN D . 14.49 32.11 15.87
O6 MAN D . 15.70 29.59 15.92
C1 MAN D . 7.74 31.15 9.72
C2 MAN D . 6.62 30.14 9.64
C3 MAN D . 7.10 28.87 8.95
C4 MAN D . 7.71 29.20 7.58
C5 MAN D . 8.82 30.24 7.75
C6 MAN D . 9.40 30.71 6.43
O2 MAN D . 5.52 30.72 8.94
O3 MAN D . 6.04 27.94 8.80
O4 MAN D . 8.28 28.04 6.98
O5 MAN D . 8.29 31.40 8.42
O6 MAN D . 10.41 31.69 6.62
C1 FUC D . 9.41 23.32 17.38
C2 FUC D . 9.85 24.24 18.50
C3 FUC D . 10.27 25.60 17.93
C4 FUC D . 9.11 26.22 17.15
C5 FUC D . 8.70 25.24 16.05
C6 FUC D . 7.51 25.68 15.23
O2 FUC D . 10.89 23.64 19.26
O3 FUC D . 10.71 26.49 18.95
O4 FUC D . 8.03 26.43 18.05
O5 FUC D . 8.37 23.96 16.61
C1 FUC D . 14.49 21.82 11.80
C2 FUC D . 15.76 22.15 12.59
C3 FUC D . 16.33 20.92 13.26
C4 FUC D . 16.54 19.77 12.28
C5 FUC D . 15.19 19.49 11.60
C6 FUC D . 15.23 18.40 10.55
O2 FUC D . 15.43 23.14 13.57
O3 FUC D . 17.53 21.23 13.95
O4 FUC D . 17.53 20.10 11.30
O5 FUC D . 14.72 20.69 10.94
CBD CUY E . -0.27 8.63 15.71
CBE CUY E . -1.14 7.40 15.48
CBF CUY E . -2.54 7.83 15.08
CBG CUY E . -3.11 6.86 14.05
CBH CUY E . -4.65 6.89 14.02
CBI CUY E . -5.17 8.15 13.33
CBJ CUY E . -6.66 7.99 12.93
CBK CUY E . -7.28 9.35 12.61
CBL CUY E . -7.11 9.67 11.11
CBM CUY E . -7.62 11.07 10.77
CAW CUY E . -7.83 11.15 9.25
CAV CUY E . -8.78 12.28 8.85
CAU CUY E . -10.22 11.78 8.93
CAT CUY E . -11.17 12.47 7.95
CAS CUY E . -12.51 11.77 8.10
CAR CUY E . -13.61 12.40 7.24
OAQ CUY E . -14.65 11.46 7.21
CAP CUY E . -15.68 11.65 6.28
OBO CUY E . -15.48 11.50 5.12
CAO CUY E . -17.09 12.01 6.77
CAN CUY E . -18.17 11.02 6.30
CAM CUY E . -19.36 11.13 7.25
CAL CUY E . -20.70 10.75 6.61
CAK CUY E . -21.58 10.05 7.66
CAJ CUY E . -22.67 10.99 8.19
CAI CUY E . -22.58 11.16 9.71
CAH CUY E . -22.30 12.62 10.04
CAG CUY E . -21.79 12.81 11.47
CAF CUY E . -21.53 14.29 11.68
CAE CUY E . -20.76 14.55 12.98
CAD CUY E . -21.06 15.96 13.48
CAC CUY E . -20.07 16.36 14.57
CAB CUY E . -20.67 17.41 15.50
C1 CUY E . 0.48 8.51 17.03
C2 CUY E . 0.07 9.64 17.97
C1 NAG F . -24.13 -5.54 15.35
C2 NAG F . -24.88 -6.84 15.67
C3 NAG F . -24.03 -7.92 16.33
C4 NAG F . -22.70 -8.07 15.62
C5 NAG F . -21.99 -6.73 15.54
C6 NAG F . -20.64 -6.77 14.85
C7 NAG F . -27.32 -6.89 16.09
C8 NAG F . -28.34 -6.96 17.18
N2 NAG F . -26.07 -6.57 16.47
O3 NAG F . -24.73 -9.16 16.28
O4 NAG F . -21.88 -9.02 16.30
O5 NAG F . -22.81 -5.78 14.82
O6 NAG F . -20.61 -7.59 13.70
O7 NAG F . -27.60 -7.13 14.91
C1 EDO G . -18.45 -1.90 6.31
O1 EDO G . -19.14 -1.69 7.54
C2 EDO G . -19.37 -2.53 5.24
O2 EDO G . -19.81 -1.64 4.22
C1 EDO H . 6.71 15.16 29.95
O1 EDO H . 6.60 16.03 31.02
C2 EDO H . 7.31 16.01 28.87
O2 EDO H . 8.01 15.18 27.91
CL CL I . -28.79 13.35 3.36
CL CL J . 18.41 -14.92 -14.96
CL CL K . -1.32 23.38 2.42
CL CL L . -21.34 2.19 18.15
CL CL M . -19.24 1.11 2.66
O47 P50 N . -10.83 17.18 15.71
C38 P50 N . -10.07 16.32 16.05
C39 P50 N . -9.03 15.75 15.05
C40 P50 N . -9.61 15.48 13.64
C41 P50 N . -8.66 14.54 12.83
C42 P50 N . -7.90 15.31 11.71
C43 P50 N . -6.43 15.51 12.17
C44 P50 N . -5.42 15.83 11.03
C45 P50 N . -4.17 14.98 11.33
C46 P50 N . -2.94 15.33 10.44
C48 P50 N . -1.68 15.14 10.88
C49 P50 N . -1.38 14.60 12.26
C50 P50 N . 0.05 14.86 12.76
C51 P50 N . 0.30 13.66 13.71
C52 P50 N . 1.57 13.84 14.56
C53 P50 N . 2.34 12.50 14.58
C54 P50 N . 2.00 11.70 15.84
C55 P50 N . 3.24 11.12 16.55
C56 P50 N . 4.00 12.20 17.33
O37 P50 N . -10.07 15.77 17.37
C2 P50 N . -10.89 16.31 18.38
C3 P50 N . -10.50 15.66 19.72
O16 P50 N . -9.32 16.26 20.22
P12 P50 N . -9.57 16.98 21.72
O13 P50 N . -10.88 17.64 21.80
O15 P50 N . -8.38 18.10 21.97
OG P50 N . -9.51 15.77 22.85
CB P50 N . -9.10 16.29 24.08
CA P50 N . -7.95 15.44 24.62
N P50 N . -6.79 16.28 24.62
C P50 N . -8.25 15.07 26.07
O P50 N . -9.37 14.98 26.47
C1 P50 N . -12.39 16.05 18.09
O19 P50 N . -12.97 15.04 18.92
C17 P50 N . -14.40 15.14 18.93
O18 P50 N . -14.95 16.02 19.50
C20 P50 N . -15.25 14.06 18.18
C21 P50 N . -15.98 14.67 16.97
C22 P50 N . -15.42 14.02 15.70
C23 P50 N . -16.42 14.12 14.56
C24 P50 N . -15.90 15.15 13.55
C25 P50 N . -15.62 14.49 12.21
C26 P50 N . -14.92 15.50 11.27
C27 P50 N . -13.42 15.16 11.07
C28 P50 N . -12.98 15.60 9.63
C29 P50 N . -12.59 17.08 9.59
C30 P50 N . -13.01 17.67 8.23
C31 P50 N . -13.44 19.13 8.38
C32 P50 N . -12.29 20.05 7.98
C33 P50 N . -12.57 21.52 8.21
C34 P50 N . -11.33 22.22 8.75
NA NA O . 8.32 -26.22 0.37
NA NA P . 7.98 -16.38 -11.56
NA NA Q . 13.63 -17.31 4.44
C1 EDO R . -5.92 7.82 -0.02
O1 EDO R . -5.02 8.76 -0.59
C2 EDO R . -7.27 7.82 -0.74
O2 EDO R . -7.65 9.13 -1.08
CL CL S . 7.26 -15.75 8.92
CL CL T . 15.89 -15.31 2.19
#